data_3I7S
#
_entry.id   3I7S
#
_cell.length_a   120.881
_cell.length_b   120.881
_cell.length_c   110.500
_cell.angle_alpha   90.00
_cell.angle_beta   90.00
_cell.angle_gamma   120.00
#
_symmetry.space_group_name_H-M   'P 31 2 1'
#
loop_
_entity.id
_entity.type
_entity.pdbx_description
1 polymer 'Dihydrodipicolinate synthase'
2 non-polymer GLYCEROL
3 non-polymer 'POTASSIUM ION'
4 non-polymer 'PYRUVIC ACID'
5 non-polymer 'PHOSPHATE ION'
6 water water
#
_entity_poly.entity_id   1
_entity_poly.type   'polypeptide(L)'
_entity_poly.pdbx_seq_one_letter_code
;MFTGSIVAIVTPMDEKGNVCRASLKKLIDYHVASGTSAIVSVGTTGESATLNHDEHADVVMMTLDLADGRIPVIAGTGAN
ATAEAISLTQRFNDSGIVGCLTVTPYYNRPSQEGLYQHFKAIAEHTDLPQILYNVPSRTGCDLLPETVGRLAKVKNIIGI
REATGNLTRVNQIKELVSDDFVLLSGDDASALDFMQLGGHGVISVTANVAARDMAQMCKLAAEGHFAEARVINQRLMPLH
NKLFVEPNPIPVKWACKELGLVATDTLRLPMTPITDSGRETVRAALKHAGLL
;
_entity_poly.pdbx_strand_id   A,B
#
# COMPACT_ATOMS: atom_id res chain seq x y z
N MET A 1 27.66 -8.63 -5.20
CA MET A 1 27.31 -7.63 -6.26
C MET A 1 25.98 -6.91 -5.97
N PHE A 2 25.93 -5.63 -6.31
CA PHE A 2 24.66 -4.90 -6.50
C PHE A 2 24.63 -4.53 -7.99
N THR A 3 24.95 -5.51 -8.83
CA THR A 3 25.21 -5.33 -10.25
C THR A 3 24.74 -6.64 -10.88
N GLY A 4 24.51 -6.64 -12.19
CA GLY A 4 24.13 -7.86 -12.89
C GLY A 4 22.69 -8.28 -12.64
N SER A 5 22.44 -9.59 -12.72
CA SER A 5 21.10 -10.09 -12.63
C SER A 5 20.81 -10.49 -11.20
N ILE A 6 19.90 -9.74 -10.56
CA ILE A 6 19.52 -10.02 -9.20
C ILE A 6 18.11 -10.59 -9.22
N VAL A 7 17.91 -11.75 -8.58
CA VAL A 7 16.58 -12.37 -8.55
C VAL A 7 15.76 -11.85 -7.37
N ALA A 8 14.52 -11.46 -7.67
CA ALA A 8 13.52 -11.21 -6.61
C ALA A 8 12.82 -12.53 -6.41
N ILE A 9 13.30 -13.28 -5.43
CA ILE A 9 13.02 -14.70 -5.36
C ILE A 9 11.64 -14.98 -4.79
N VAL A 10 10.93 -15.97 -5.36
CA VAL A 10 9.66 -16.36 -4.76
C VAL A 10 9.91 -16.95 -3.37
N THR A 11 8.91 -16.90 -2.50
CA THR A 11 8.96 -17.63 -1.25
C THR A 11 8.13 -18.89 -1.44
N PRO A 12 8.78 -20.02 -1.76
CA PRO A 12 8.04 -21.25 -2.04
C PRO A 12 7.33 -21.73 -0.79
N MET A 13 6.10 -22.19 -0.95
CA MET A 13 5.28 -22.56 0.19
C MET A 13 4.75 -23.95 -0.03
N ASP A 14 4.41 -24.61 1.06
CA ASP A 14 3.67 -25.85 1.05
C ASP A 14 2.16 -25.54 0.88
N GLU A 15 1.33 -26.57 0.83
CA GLU A 15 -0.12 -26.39 0.64
C GLU A 15 -0.77 -25.64 1.81
N LYS A 16 -0.05 -25.53 2.92
CA LYS A 16 -0.54 -24.75 4.07
C LYS A 16 -0.18 -23.27 3.99
N GLY A 17 0.65 -22.89 3.03
CA GLY A 17 1.06 -21.49 2.92
C GLY A 17 2.29 -21.15 3.77
N ASN A 18 2.96 -22.18 4.29
CA ASN A 18 4.16 -21.97 5.06
C ASN A 18 5.40 -22.26 4.22
N VAL A 19 6.51 -21.59 4.54
CA VAL A 19 7.73 -21.71 3.73
C VAL A 19 8.18 -23.17 3.59
N CYS A 20 8.52 -23.54 2.35
CA CYS A 20 8.99 -24.88 2.03
C CYS A 20 10.52 -24.91 1.86
N ARG A 21 11.17 -25.41 2.89
CA ARG A 21 12.61 -25.43 3.02
C ARG A 21 13.32 -26.11 1.84
N ALA A 22 12.83 -27.28 1.45
CA ALA A 22 13.42 -28.05 0.35
C ALA A 22 13.29 -27.34 -0.99
N SER A 23 12.18 -26.64 -1.19
CA SER A 23 12.00 -25.88 -2.43
C SER A 23 12.91 -24.65 -2.44
N LEU A 24 12.93 -23.93 -1.33
CA LEU A 24 13.86 -22.82 -1.16
C LEU A 24 15.29 -23.26 -1.49
N LYS A 25 15.78 -24.28 -0.77
CA LYS A 25 17.11 -24.83 -1.05
C LYS A 25 17.32 -25.11 -2.54
N LYS A 26 16.36 -25.75 -3.18
CA LYS A 26 16.50 -26.04 -4.59
C LYS A 26 16.69 -24.75 -5.39
N LEU A 27 15.86 -23.74 -5.07
CA LEU A 27 15.90 -22.47 -5.81
C LEU A 27 17.25 -21.79 -5.67
N ILE A 28 17.81 -21.80 -4.47
CA ILE A 28 19.10 -21.20 -4.21
C ILE A 28 20.27 -21.94 -4.90
N ASP A 29 20.23 -23.26 -4.91
CA ASP A 29 21.23 -24.06 -5.60
C ASP A 29 21.20 -23.66 -7.07
N TYR A 30 19.96 -23.56 -7.58
CA TYR A 30 19.72 -23.23 -8.96
C TYR A 30 20.36 -21.90 -9.33
N HIS A 31 20.27 -20.90 -8.44
CA HIS A 31 20.81 -19.56 -8.74
C HIS A 31 22.32 -19.52 -8.61
N VAL A 32 22.85 -20.31 -7.70
CA VAL A 32 24.28 -20.41 -7.51
C VAL A 32 24.89 -20.99 -8.77
N ALA A 33 24.21 -22.00 -9.31
CA ALA A 33 24.69 -22.74 -10.46
C ALA A 33 24.54 -21.94 -11.75
N SER A 34 23.60 -20.97 -11.75
CA SER A 34 23.19 -20.22 -12.95
C SER A 34 23.91 -18.87 -13.14
N GLY A 35 24.65 -18.43 -12.14
CA GLY A 35 25.38 -17.15 -12.23
C GLY A 35 24.63 -15.91 -11.76
N THR A 36 23.45 -16.10 -11.17
CA THR A 36 22.69 -15.01 -10.55
C THR A 36 23.63 -14.29 -9.58
N SER A 37 23.57 -12.96 -9.60
CA SER A 37 24.55 -12.16 -8.86
C SER A 37 24.21 -12.01 -7.41
N ALA A 38 22.92 -12.01 -7.09
CA ALA A 38 22.45 -11.88 -5.71
C ALA A 38 20.97 -12.19 -5.62
N ILE A 39 20.53 -12.50 -4.39
CA ILE A 39 19.14 -12.81 -4.10
C ILE A 39 18.49 -11.71 -3.27
N VAL A 40 17.34 -11.22 -3.74
CA VAL A 40 16.48 -10.38 -2.90
C VAL A 40 15.48 -11.30 -2.22
N SER A 41 15.57 -11.38 -0.90
CA SER A 41 14.74 -12.27 -0.12
C SER A 41 13.55 -11.52 0.47
N VAL A 42 12.35 -12.04 0.22
CA VAL A 42 11.10 -11.43 0.70
C VAL A 42 10.92 -9.96 0.27
N GLY A 43 11.06 -9.72 -1.03
CA GLY A 43 10.50 -8.54 -1.66
C GLY A 43 9.06 -8.81 -2.11
N THR A 44 8.58 -8.03 -3.07
CA THR A 44 7.22 -8.19 -3.56
C THR A 44 6.96 -9.61 -4.06
N THR A 45 7.87 -10.10 -4.92
CA THR A 45 7.74 -11.41 -5.54
C THR A 45 7.81 -12.53 -4.50
N GLY A 46 8.44 -12.24 -3.37
CA GLY A 46 8.52 -13.19 -2.25
C GLY A 46 7.41 -13.00 -1.24
N GLU A 47 6.36 -12.30 -1.67
CA GLU A 47 5.14 -12.09 -0.89
C GLU A 47 5.34 -11.44 0.49
N SER A 48 6.19 -10.43 0.56
CA SER A 48 6.36 -9.64 1.78
C SER A 48 5.03 -9.17 2.34
N ALA A 49 4.05 -8.90 1.48
CA ALA A 49 2.74 -8.42 1.94
C ALA A 49 2.00 -9.38 2.88
N THR A 50 2.13 -10.69 2.65
CA THR A 50 1.31 -11.66 3.41
C THR A 50 2.07 -12.45 4.47
N LEU A 51 3.35 -12.12 4.65
CA LEU A 51 4.17 -12.65 5.75
C LEU A 51 4.23 -11.64 6.87
N ASN A 52 4.11 -12.09 8.13
CA ASN A 52 4.27 -11.17 9.23
C ASN A 52 5.77 -10.93 9.39
N HIS A 53 6.16 -10.00 10.24
CA HIS A 53 7.58 -9.71 10.34
C HIS A 53 8.43 -10.87 10.84
N ASP A 54 7.86 -11.74 11.66
CA ASP A 54 8.62 -12.88 12.14
C ASP A 54 8.83 -13.89 11.02
N GLU A 55 7.76 -14.18 10.26
CA GLU A 55 7.83 -15.15 9.16
C GLU A 55 8.80 -14.63 8.11
N HIS A 56 8.70 -13.32 7.90
CA HIS A 56 9.56 -12.58 7.02
C HIS A 56 11.01 -12.76 7.46
N ALA A 57 11.31 -12.48 8.71
CA ALA A 57 12.68 -12.65 9.18
C ALA A 57 13.17 -14.12 9.05
N ASP A 58 12.30 -15.08 9.36
CA ASP A 58 12.62 -16.49 9.24
C ASP A 58 13.03 -16.88 7.83
N VAL A 59 12.30 -16.38 6.85
CA VAL A 59 12.61 -16.69 5.46
C VAL A 59 13.94 -16.05 5.03
N VAL A 60 14.21 -14.83 5.48
CA VAL A 60 15.47 -14.19 5.19
C VAL A 60 16.65 -14.97 5.77
N MET A 61 16.54 -15.40 7.02
CA MET A 61 17.65 -16.09 7.67
C MET A 61 17.79 -17.52 7.14
N MET A 62 16.67 -18.15 6.85
CA MET A 62 16.72 -19.45 6.18
C MET A 62 17.43 -19.31 4.83
N THR A 63 17.09 -18.27 4.07
CA THR A 63 17.64 -18.04 2.75
C THR A 63 19.15 -17.83 2.85
N LEU A 64 19.55 -17.08 3.87
CA LEU A 64 20.93 -16.74 4.09
C LEU A 64 21.74 -18.00 4.45
N ASP A 65 21.21 -18.79 5.39
CA ASP A 65 21.81 -20.07 5.74
C ASP A 65 21.91 -21.06 4.54
N LEU A 66 20.89 -21.12 3.69
CA LEU A 66 20.93 -22.02 2.54
C LEU A 66 21.88 -21.51 1.47
N ALA A 67 22.02 -20.18 1.36
CA ALA A 67 23.00 -19.61 0.46
C ALA A 67 24.41 -20.06 0.88
N ASP A 68 24.64 -20.12 2.19
CA ASP A 68 25.90 -20.67 2.73
C ASP A 68 27.15 -19.98 2.11
N GLY A 69 27.07 -18.66 2.00
CA GLY A 69 28.19 -17.86 1.48
C GLY A 69 28.43 -17.94 -0.01
N ARG A 70 27.61 -18.71 -0.73
CA ARG A 70 27.87 -18.89 -2.16
C ARG A 70 27.34 -17.76 -3.04
N ILE A 71 26.51 -16.90 -2.47
CA ILE A 71 25.77 -15.90 -3.23
C ILE A 71 25.19 -14.91 -2.22
N PRO A 72 25.32 -13.60 -2.50
CA PRO A 72 24.88 -12.56 -1.58
C PRO A 72 23.37 -12.47 -1.47
N VAL A 73 22.90 -12.22 -0.26
CA VAL A 73 21.48 -12.12 0.02
C VAL A 73 21.12 -10.71 0.49
N ILE A 74 20.14 -10.11 -0.19
CA ILE A 74 19.62 -8.78 0.12
C ILE A 74 18.26 -9.00 0.75
N ALA A 75 18.06 -8.45 1.93
CA ALA A 75 16.78 -8.54 2.62
C ALA A 75 15.83 -7.43 2.16
N GLY A 76 14.59 -7.78 1.81
CA GLY A 76 13.52 -6.79 1.63
C GLY A 76 13.11 -6.30 3.02
N THR A 77 13.09 -4.97 3.23
CA THR A 77 12.85 -4.42 4.57
C THR A 77 11.83 -3.27 4.56
N GLY A 78 11.00 -3.23 3.52
CA GLY A 78 10.08 -2.13 3.36
C GLY A 78 9.00 -2.12 4.42
N ALA A 79 8.65 -0.92 4.88
CA ALA A 79 7.46 -0.71 5.73
C ALA A 79 6.95 0.72 5.56
N ASN A 80 5.63 0.90 5.63
CA ASN A 80 5.05 2.23 5.45
C ASN A 80 4.99 3.08 6.73
N ALA A 81 5.42 2.52 7.85
CA ALA A 81 5.66 3.27 9.09
C ALA A 81 7.16 3.30 9.34
N THR A 82 7.72 4.48 9.56
CA THR A 82 9.17 4.57 9.71
C THR A 82 9.69 3.74 10.90
N ALA A 83 8.97 3.78 12.01
CA ALA A 83 9.38 2.99 13.18
C ALA A 83 9.40 1.48 12.88
N GLU A 84 8.42 1.01 12.11
CA GLU A 84 8.37 -0.41 11.74
C GLU A 84 9.49 -0.77 10.74
N ALA A 85 9.81 0.14 9.83
CA ALA A 85 10.91 -0.07 8.89
C ALA A 85 12.23 -0.18 9.65
N ILE A 86 12.43 0.68 10.65
CA ILE A 86 13.64 0.67 11.45
C ILE A 86 13.74 -0.65 12.19
N SER A 87 12.65 -1.05 12.82
CA SER A 87 12.60 -2.27 13.59
C SER A 87 12.81 -3.55 12.75
N LEU A 88 12.22 -3.61 11.56
CA LEU A 88 12.49 -4.75 10.66
C LEU A 88 13.94 -4.81 10.20
N THR A 89 14.51 -3.65 9.86
CA THR A 89 15.91 -3.56 9.47
C THR A 89 16.82 -4.08 10.58
N GLN A 90 16.55 -3.66 11.81
CA GLN A 90 17.38 -4.03 12.94
C GLN A 90 17.47 -5.53 13.16
N ARG A 91 16.44 -6.26 12.74
CA ARG A 91 16.49 -7.73 12.81
C ARG A 91 17.68 -8.29 12.06
N PHE A 92 18.13 -7.58 11.03
CA PHE A 92 19.19 -8.06 10.13
C PHE A 92 20.56 -7.41 10.33
N ASN A 93 20.70 -6.55 11.35
CA ASN A 93 22.01 -5.99 11.70
C ASN A 93 22.91 -7.11 12.17
N ASP A 94 24.15 -7.12 11.68
CA ASP A 94 25.12 -8.22 11.93
C ASP A 94 24.65 -9.64 11.54
N SER A 95 23.80 -9.74 10.53
CA SER A 95 23.19 -11.04 10.19
C SER A 95 23.98 -11.83 9.16
N GLY A 96 24.70 -11.10 8.29
CA GLY A 96 25.26 -11.72 7.11
C GLY A 96 24.61 -11.24 5.82
N ILE A 97 23.44 -10.58 5.89
CA ILE A 97 22.90 -10.02 4.64
C ILE A 97 23.81 -8.90 4.17
N VAL A 98 23.89 -8.66 2.87
CA VAL A 98 24.84 -7.66 2.41
C VAL A 98 24.23 -6.28 2.25
N GLY A 99 22.90 -6.20 2.32
CA GLY A 99 22.16 -4.94 2.16
C GLY A 99 20.64 -5.13 2.23
N CYS A 100 19.91 -4.02 2.16
CA CYS A 100 18.46 -4.03 2.32
C CYS A 100 17.82 -3.42 1.12
N LEU A 101 16.71 -4.00 0.69
CA LEU A 101 15.91 -3.36 -0.35
C LEU A 101 14.69 -2.79 0.33
N THR A 102 14.60 -1.46 0.33
CA THR A 102 13.59 -0.78 1.12
C THR A 102 12.65 0.11 0.30
N VAL A 103 11.40 -0.32 0.19
CA VAL A 103 10.38 0.37 -0.63
C VAL A 103 9.87 1.70 -0.01
N THR A 104 9.50 2.67 -0.85
CA THR A 104 8.84 3.89 -0.39
C THR A 104 7.54 3.53 0.34
N PRO A 105 7.23 4.20 1.46
CA PRO A 105 5.96 3.95 2.13
C PRO A 105 4.79 3.86 1.15
N TYR A 106 3.97 2.84 1.32
CA TYR A 106 2.83 2.59 0.44
C TYR A 106 1.58 3.03 1.18
N TYR A 107 0.52 3.31 0.43
CA TYR A 107 -0.79 3.61 0.99
C TYR A 107 -0.95 5.01 1.62
N ASN A 108 0.02 5.44 2.42
CA ASN A 108 -0.16 6.71 3.14
C ASN A 108 0.35 7.95 2.42
N ARG A 109 1.02 7.71 1.30
CA ARG A 109 1.37 8.75 0.31
C ARG A 109 2.08 9.96 0.93
N PRO A 110 3.23 9.74 1.57
CA PRO A 110 4.00 10.87 2.15
C PRO A 110 4.51 11.83 1.07
N SER A 111 4.85 13.06 1.49
CA SER A 111 5.49 14.05 0.61
C SER A 111 6.94 13.65 0.34
N GLN A 112 7.58 14.39 -0.56
CA GLN A 112 8.98 14.11 -0.85
C GLN A 112 9.85 14.31 0.39
N GLU A 113 9.50 15.29 1.23
CA GLU A 113 10.20 15.50 2.50
C GLU A 113 9.96 14.33 3.47
N GLY A 114 8.76 13.76 3.42
CA GLY A 114 8.47 12.57 4.19
C GLY A 114 9.33 11.40 3.78
N LEU A 115 9.45 11.17 2.48
CA LEU A 115 10.31 10.10 1.97
C LEU A 115 11.75 10.33 2.39
N TYR A 116 12.23 11.56 2.23
CA TYR A 116 13.56 11.92 2.70
C TYR A 116 13.77 11.62 4.21
N GLN A 117 12.83 12.02 5.07
CA GLN A 117 12.94 11.73 6.53
C GLN A 117 12.84 10.22 6.84
N HIS A 118 12.00 9.52 6.08
CA HIS A 118 11.79 8.09 6.27
C HIS A 118 13.07 7.31 5.97
N PHE A 119 13.66 7.56 4.81
CA PHE A 119 14.81 6.79 4.42
C PHE A 119 16.06 7.20 5.19
N LYS A 120 16.20 8.49 5.46
CA LYS A 120 17.31 8.99 6.25
C LYS A 120 17.30 8.39 7.64
N ALA A 121 16.12 8.33 8.27
CA ALA A 121 16.00 7.68 9.59
C ALA A 121 16.35 6.16 9.54
N ILE A 122 15.84 5.44 8.56
CA ILE A 122 16.21 4.04 8.36
C ILE A 122 17.75 3.89 8.26
N ALA A 123 18.38 4.64 7.35
CA ALA A 123 19.83 4.60 7.17
C ALA A 123 20.62 4.89 8.46
N GLU A 124 20.07 5.77 9.31
CA GLU A 124 20.73 6.12 10.57
C GLU A 124 20.74 5.02 11.63
N HIS A 125 19.85 4.03 11.52
CA HIS A 125 19.72 3.03 12.55
C HIS A 125 20.28 1.68 12.09
N THR A 126 21.16 1.73 11.09
CA THR A 126 21.76 0.53 10.54
C THR A 126 23.16 0.82 9.97
N ASP A 127 23.97 -0.23 9.85
CA ASP A 127 25.22 -0.14 9.14
C ASP A 127 25.06 -0.70 7.73
N LEU A 128 23.97 -1.43 7.50
CA LEU A 128 23.70 -2.02 6.21
C LEU A 128 23.49 -1.02 5.07
N PRO A 129 24.09 -1.31 3.91
CA PRO A 129 23.77 -0.63 2.66
C PRO A 129 22.27 -0.74 2.33
N GLN A 130 21.74 0.35 1.80
CA GLN A 130 20.31 0.51 1.55
C GLN A 130 20.11 0.83 0.09
N ILE A 131 19.28 0.03 -0.56
CA ILE A 131 18.84 0.35 -1.91
C ILE A 131 17.38 0.81 -1.85
N LEU A 132 17.15 2.04 -2.29
CA LEU A 132 15.79 2.60 -2.38
C LEU A 132 15.01 1.87 -3.46
N TYR A 133 13.72 1.64 -3.24
CA TYR A 133 12.88 0.93 -4.20
C TYR A 133 11.62 1.72 -4.56
N ASN A 134 11.49 2.08 -5.83
CA ASN A 134 10.39 2.90 -6.31
C ASN A 134 9.43 2.11 -7.22
N VAL A 135 8.17 1.97 -6.78
CA VAL A 135 7.18 1.19 -7.50
C VAL A 135 5.81 1.84 -7.32
N PRO A 136 5.62 3.04 -7.91
CA PRO A 136 4.44 3.88 -7.73
C PRO A 136 3.12 3.20 -8.06
N SER A 137 3.14 2.21 -8.93
CA SER A 137 1.91 1.51 -9.30
C SER A 137 1.39 0.68 -8.14
N ARG A 138 2.31 0.26 -7.25
CA ARG A 138 1.93 -0.50 -6.02
C ARG A 138 1.76 0.39 -4.79
N THR A 139 2.48 1.50 -4.72
CA THR A 139 2.61 2.26 -3.48
C THR A 139 1.69 3.45 -3.40
N GLY A 140 1.40 4.05 -4.56
CA GLY A 140 0.67 5.32 -4.63
C GLY A 140 1.60 6.50 -4.46
N CYS A 141 2.89 6.22 -4.39
CA CYS A 141 3.91 7.21 -4.11
C CYS A 141 5.05 7.13 -5.13
N ASP A 142 5.53 8.28 -5.58
CA ASP A 142 6.62 8.35 -6.57
C ASP A 142 7.82 9.07 -5.96
N LEU A 143 8.90 8.34 -5.78
CA LEU A 143 10.16 8.94 -5.37
C LEU A 143 10.85 9.60 -6.57
N LEU A 144 10.88 10.92 -6.55
CA LEU A 144 11.43 11.68 -7.68
C LEU A 144 12.95 11.71 -7.66
N PRO A 145 13.59 11.80 -8.85
CA PRO A 145 15.05 11.91 -8.99
C PRO A 145 15.70 12.89 -8.03
N GLU A 146 15.17 14.10 -7.93
CA GLU A 146 15.70 15.12 -7.04
C GLU A 146 15.79 14.60 -5.61
N THR A 147 14.74 13.94 -5.11
CA THR A 147 14.77 13.40 -3.76
C THR A 147 15.83 12.28 -3.64
N VAL A 148 15.96 11.48 -4.69
CA VAL A 148 17.04 10.47 -4.76
C VAL A 148 18.41 11.14 -4.65
N GLY A 149 18.57 12.29 -5.30
CA GLY A 149 19.80 13.09 -5.22
C GLY A 149 20.14 13.51 -3.81
N ARG A 150 19.13 13.97 -3.07
CA ARG A 150 19.26 14.29 -1.64
C ARG A 150 19.70 13.06 -0.82
N LEU A 151 19.02 11.95 -1.05
CA LEU A 151 19.25 10.73 -0.27
C LEU A 151 20.59 10.10 -0.58
N ALA A 152 21.06 10.30 -1.81
CA ALA A 152 22.34 9.75 -2.22
C ALA A 152 23.48 10.30 -1.40
N LYS A 153 23.27 11.41 -0.68
CA LYS A 153 24.38 11.84 0.17
C LYS A 153 24.45 11.29 1.59
N VAL A 154 23.45 10.52 2.00
CA VAL A 154 23.54 9.73 3.23
C VAL A 154 24.54 8.59 3.00
N LYS A 155 25.45 8.35 3.94
CA LYS A 155 26.56 7.41 3.71
C LYS A 155 26.14 6.02 3.17
N ASN A 156 25.19 5.38 3.83
CA ASN A 156 24.79 4.00 3.50
C ASN A 156 23.56 3.82 2.58
N ILE A 157 23.10 4.90 1.95
CA ILE A 157 22.12 4.76 0.87
C ILE A 157 22.93 4.70 -0.41
N ILE A 158 22.90 3.58 -1.12
CA ILE A 158 23.93 3.30 -2.15
C ILE A 158 23.40 3.08 -3.57
N GLY A 159 22.09 2.92 -3.69
CA GLY A 159 21.49 2.71 -4.99
C GLY A 159 19.98 2.88 -5.01
N ILE A 160 19.44 2.86 -6.21
CA ILE A 160 17.99 2.84 -6.34
C ILE A 160 17.60 1.68 -7.26
N ARG A 161 16.51 0.99 -6.90
CA ARG A 161 15.85 0.11 -7.86
C ARG A 161 14.60 0.84 -8.35
N GLU A 162 14.52 1.01 -9.66
CA GLU A 162 13.47 1.80 -10.30
C GLU A 162 12.52 0.92 -11.12
N ALA A 163 11.27 0.80 -10.67
CA ALA A 163 10.31 -0.08 -11.32
C ALA A 163 9.28 0.64 -12.21
N THR A 164 9.38 1.95 -12.39
CA THR A 164 8.37 2.65 -13.17
C THR A 164 8.38 2.24 -14.64
N GLY A 165 9.51 1.78 -15.16
CA GLY A 165 9.65 1.61 -16.59
C GLY A 165 9.74 2.93 -17.36
N ASN A 166 10.00 4.02 -16.64
CA ASN A 166 10.20 5.34 -17.23
C ASN A 166 11.70 5.54 -17.42
N LEU A 167 12.18 5.18 -18.60
CA LEU A 167 13.60 5.10 -18.90
C LEU A 167 14.36 6.42 -18.77
N THR A 168 13.61 7.52 -18.83
CA THR A 168 14.12 8.85 -18.61
C THR A 168 14.79 8.98 -17.24
N ARG A 169 14.36 8.17 -16.28
CA ARG A 169 14.81 8.34 -14.92
C ARG A 169 16.29 7.95 -14.73
N VAL A 170 16.81 7.04 -15.54
CA VAL A 170 18.21 6.62 -15.43
C VAL A 170 19.16 7.81 -15.46
N ASN A 171 19.06 8.63 -16.48
CA ASN A 171 19.96 9.75 -16.60
C ASN A 171 19.60 11.02 -15.81
N GLN A 172 18.33 11.17 -15.44
CA GLN A 172 17.94 12.24 -14.52
C GLN A 172 18.59 11.97 -13.18
N ILE A 173 18.56 10.72 -12.74
CA ILE A 173 19.12 10.34 -11.46
C ILE A 173 20.66 10.33 -11.51
N LYS A 174 21.22 9.67 -12.53
CA LYS A 174 22.67 9.65 -12.75
C LYS A 174 23.33 11.05 -12.65
N GLU A 175 22.67 12.05 -13.22
CA GLU A 175 23.17 13.43 -13.25
C GLU A 175 23.34 14.08 -11.88
N LEU A 176 22.66 13.54 -10.86
CA LEU A 176 22.56 14.16 -9.54
C LEU A 176 23.26 13.34 -8.48
N VAL A 177 23.73 12.16 -8.87
CA VAL A 177 24.34 11.23 -7.95
C VAL A 177 25.78 10.90 -8.33
N SER A 178 26.48 10.32 -7.36
CA SER A 178 27.85 9.82 -7.53
C SER A 178 27.94 8.73 -8.63
N ASP A 179 29.11 8.60 -9.26
CA ASP A 179 29.32 7.54 -10.25
C ASP A 179 29.33 6.13 -9.62
N ASP A 180 29.52 6.03 -8.30
CA ASP A 180 29.41 4.71 -7.67
C ASP A 180 28.01 4.37 -7.11
N PHE A 181 27.06 5.31 -7.23
CA PHE A 181 25.64 5.07 -6.87
C PHE A 181 25.01 4.09 -7.87
N VAL A 182 24.36 3.06 -7.36
CA VAL A 182 23.93 1.94 -8.18
C VAL A 182 22.51 2.10 -8.67
N LEU A 183 22.30 1.88 -9.95
CA LEU A 183 21.00 2.05 -10.56
C LEU A 183 20.53 0.72 -11.10
N LEU A 184 19.45 0.21 -10.54
CA LEU A 184 18.91 -1.09 -10.96
C LEU A 184 17.50 -0.94 -11.54
N SER A 185 17.22 -1.65 -12.62
CA SER A 185 15.86 -1.72 -13.13
C SER A 185 15.01 -2.63 -12.24
N GLY A 186 13.75 -2.27 -12.03
CA GLY A 186 12.79 -3.13 -11.38
C GLY A 186 11.68 -3.59 -12.33
N ASP A 187 11.92 -3.49 -13.63
CA ASP A 187 10.90 -3.80 -14.65
C ASP A 187 11.50 -4.64 -15.77
N ASP A 188 11.28 -5.95 -15.70
CA ASP A 188 11.92 -6.90 -16.61
C ASP A 188 11.90 -6.49 -18.09
N ALA A 189 10.74 -6.07 -18.58
CA ALA A 189 10.55 -5.75 -19.98
C ALA A 189 11.38 -4.56 -20.47
N SER A 190 11.71 -3.63 -19.57
CA SER A 190 12.53 -2.47 -19.96
C SER A 190 13.96 -2.51 -19.41
N ALA A 191 14.31 -3.58 -18.71
CA ALA A 191 15.61 -3.67 -18.03
C ALA A 191 16.84 -3.60 -18.96
N LEU A 192 16.77 -4.20 -20.13
CA LEU A 192 17.94 -4.08 -21.00
C LEU A 192 18.07 -2.64 -21.50
N ASP A 193 16.94 -2.03 -21.85
CA ASP A 193 16.94 -0.63 -22.21
C ASP A 193 17.53 0.20 -21.08
N PHE A 194 17.10 -0.09 -19.86
CA PHE A 194 17.59 0.58 -18.67
C PHE A 194 19.13 0.48 -18.54
N MET A 195 19.68 -0.70 -18.85
CA MET A 195 21.11 -0.90 -18.74
C MET A 195 21.86 -0.25 -19.91
N GLN A 196 21.26 -0.31 -21.10
CA GLN A 196 21.88 0.36 -22.21
C GLN A 196 22.03 1.85 -21.96
N LEU A 197 21.12 2.40 -21.16
CA LEU A 197 21.13 3.82 -20.84
C LEU A 197 22.11 4.21 -19.74
N GLY A 198 22.75 3.23 -19.11
CA GLY A 198 23.71 3.48 -18.03
C GLY A 198 23.36 2.80 -16.70
N GLY A 199 22.24 2.07 -16.67
CA GLY A 199 21.89 1.26 -15.52
C GLY A 199 22.89 0.14 -15.26
N HIS A 200 22.96 -0.30 -14.01
CA HIS A 200 24.00 -1.25 -13.57
C HIS A 200 23.49 -2.70 -13.43
N GLY A 201 22.17 -2.90 -13.50
CA GLY A 201 21.63 -4.26 -13.37
C GLY A 201 20.12 -4.30 -13.22
N VAL A 202 19.58 -5.44 -12.80
CA VAL A 202 18.14 -5.63 -12.72
C VAL A 202 17.81 -6.46 -11.48
N ILE A 203 16.75 -6.10 -10.77
CA ILE A 203 16.16 -6.97 -9.78
C ILE A 203 14.97 -7.59 -10.49
N SER A 204 15.13 -8.86 -10.84
CA SER A 204 14.28 -9.47 -11.87
C SER A 204 13.29 -10.48 -11.32
N VAL A 205 12.07 -10.48 -11.86
CA VAL A 205 11.10 -11.53 -11.64
C VAL A 205 11.35 -12.68 -12.62
N THR A 206 11.67 -12.34 -13.87
CA THR A 206 12.03 -13.32 -14.89
C THR A 206 13.18 -14.23 -14.48
N ALA A 207 14.14 -13.72 -13.70
CA ALA A 207 15.30 -14.53 -13.33
C ALA A 207 14.94 -15.77 -12.47
N ASN A 208 13.72 -15.82 -11.95
CA ASN A 208 13.27 -16.96 -11.15
C ASN A 208 13.22 -18.25 -11.95
N VAL A 209 12.92 -18.15 -13.23
CA VAL A 209 12.71 -19.31 -14.08
C VAL A 209 13.61 -19.33 -15.29
N ALA A 210 14.45 -18.31 -15.43
CA ALA A 210 15.33 -18.19 -16.60
C ALA A 210 16.63 -17.57 -16.15
N ALA A 211 17.18 -18.09 -15.05
CA ALA A 211 18.32 -17.46 -14.37
C ALA A 211 19.57 -17.41 -15.20
N ARG A 212 19.84 -18.50 -15.93
CA ARG A 212 20.98 -18.60 -16.83
C ARG A 212 20.92 -17.50 -17.89
N ASP A 213 19.80 -17.41 -18.61
CA ASP A 213 19.68 -16.40 -19.68
C ASP A 213 19.77 -14.96 -19.16
N MET A 214 19.08 -14.68 -18.05
CA MET A 214 19.14 -13.35 -17.46
C MET A 214 20.56 -12.99 -17.06
N ALA A 215 21.27 -13.92 -16.40
CA ALA A 215 22.68 -13.71 -15.99
C ALA A 215 23.56 -13.38 -17.20
N GLN A 216 23.40 -14.16 -18.27
CA GLN A 216 24.14 -13.96 -19.51
C GLN A 216 23.80 -12.59 -20.16
N MET A 217 22.53 -12.24 -20.22
CA MET A 217 22.11 -10.97 -20.80
C MET A 217 22.68 -9.74 -20.07
N CYS A 218 22.69 -9.76 -18.74
CA CYS A 218 23.27 -8.64 -17.99
C CYS A 218 24.80 -8.56 -18.12
N LYS A 219 25.46 -9.70 -18.31
CA LYS A 219 26.90 -9.74 -18.55
C LYS A 219 27.25 -9.06 -19.89
N LEU A 220 26.56 -9.48 -20.95
CA LEU A 220 26.73 -8.89 -22.27
C LEU A 220 26.48 -7.38 -22.24
N ALA A 221 25.44 -6.96 -21.54
CA ALA A 221 25.11 -5.54 -21.35
C ALA A 221 26.26 -4.77 -20.72
N ALA A 222 26.75 -5.28 -19.59
CA ALA A 222 27.87 -4.66 -18.88
C ALA A 222 29.13 -4.56 -19.74
N GLU A 223 29.30 -5.50 -20.66
CA GLU A 223 30.42 -5.44 -21.59
C GLU A 223 30.13 -4.58 -22.84
N GLY A 224 28.90 -4.09 -22.98
CA GLY A 224 28.53 -3.26 -24.12
C GLY A 224 28.18 -4.00 -25.40
N HIS A 225 28.02 -5.32 -25.30
CA HIS A 225 27.53 -6.15 -26.40
C HIS A 225 25.99 -6.18 -26.38
N PHE A 226 25.38 -5.06 -26.76
CA PHE A 226 23.94 -4.90 -26.66
C PHE A 226 23.18 -5.67 -27.74
N ALA A 227 23.73 -5.73 -28.95
CA ALA A 227 23.07 -6.44 -30.03
C ALA A 227 22.82 -7.88 -29.63
N GLU A 228 23.83 -8.48 -28.98
CA GLU A 228 23.77 -9.86 -28.52
C GLU A 228 22.88 -10.05 -27.29
N ALA A 229 22.94 -9.10 -26.35
CA ALA A 229 22.08 -9.14 -25.17
C ALA A 229 20.61 -9.12 -25.63
N ARG A 230 20.33 -8.33 -26.66
CA ARG A 230 18.99 -8.21 -27.24
C ARG A 230 18.45 -9.49 -27.85
N VAL A 231 19.31 -10.32 -28.45
CA VAL A 231 18.86 -11.64 -28.90
C VAL A 231 18.24 -12.43 -27.73
N ILE A 232 18.92 -12.44 -26.59
CA ILE A 232 18.40 -13.13 -25.39
C ILE A 232 17.11 -12.48 -24.91
N ASN A 233 17.12 -11.16 -24.83
CA ASN A 233 15.93 -10.43 -24.42
C ASN A 233 14.66 -10.74 -25.24
N GLN A 234 14.80 -10.87 -26.57
CA GLN A 234 13.66 -11.17 -27.45
C GLN A 234 13.11 -12.56 -27.20
N ARG A 235 14.03 -13.47 -26.86
CA ARG A 235 13.67 -14.80 -26.45
C ARG A 235 12.86 -14.74 -25.12
N LEU A 236 13.30 -13.90 -24.18
CA LEU A 236 12.65 -13.77 -22.87
C LEU A 236 11.45 -12.82 -22.83
N MET A 237 11.26 -12.00 -23.86
CA MET A 237 10.24 -10.96 -23.85
C MET A 237 8.83 -11.48 -23.51
N PRO A 238 8.41 -12.59 -24.15
CA PRO A 238 7.12 -13.12 -23.68
C PRO A 238 7.08 -13.43 -22.18
N LEU A 239 8.19 -13.85 -21.58
CA LEU A 239 8.19 -14.03 -20.13
C LEU A 239 8.13 -12.70 -19.41
N HIS A 240 8.96 -11.73 -19.81
CA HIS A 240 8.96 -10.41 -19.19
C HIS A 240 7.54 -9.81 -19.14
N ASN A 241 6.67 -10.17 -20.08
CA ASN A 241 5.30 -9.68 -20.13
C ASN A 241 4.31 -10.62 -19.44
N LYS A 242 4.31 -11.89 -19.85
CA LYS A 242 3.30 -12.86 -19.40
C LYS A 242 3.48 -13.32 -17.94
N LEU A 243 4.61 -13.04 -17.31
CA LEU A 243 4.71 -13.34 -15.88
C LEU A 243 3.86 -12.35 -15.09
N PHE A 244 3.29 -11.37 -15.79
CA PHE A 244 2.36 -10.45 -15.15
C PHE A 244 0.94 -10.55 -15.73
N VAL A 245 0.64 -11.66 -16.41
CA VAL A 245 -0.69 -11.87 -17.00
C VAL A 245 -1.76 -11.99 -15.92
N GLU A 246 -1.35 -12.46 -14.75
CA GLU A 246 -2.13 -12.39 -13.53
C GLU A 246 -1.19 -11.80 -12.46
N PRO A 247 -1.74 -11.33 -11.33
CA PRO A 247 -0.89 -10.62 -10.36
C PRO A 247 0.37 -11.39 -9.87
N ASN A 248 1.53 -10.78 -10.07
CA ASN A 248 2.79 -11.30 -9.58
C ASN A 248 2.64 -11.50 -8.07
N PRO A 249 3.05 -12.66 -7.52
CA PRO A 249 3.80 -13.73 -8.16
C PRO A 249 3.00 -14.97 -8.53
N ILE A 250 1.70 -14.85 -8.77
CA ILE A 250 0.91 -16.00 -9.23
C ILE A 250 1.57 -16.70 -10.44
N PRO A 251 1.86 -15.97 -11.55
CA PRO A 251 2.36 -16.73 -12.68
C PRO A 251 3.78 -17.27 -12.49
N VAL A 252 4.67 -16.53 -11.84
CA VAL A 252 6.04 -17.00 -11.68
C VAL A 252 6.07 -18.23 -10.74
N LYS A 253 5.24 -18.21 -9.70
CA LYS A 253 5.16 -19.38 -8.82
C LYS A 253 4.67 -20.58 -9.62
N TRP A 254 3.68 -20.40 -10.47
CA TRP A 254 3.22 -21.51 -11.28
C TRP A 254 4.34 -22.03 -12.19
N ALA A 255 5.09 -21.11 -12.80
CA ALA A 255 6.15 -21.48 -13.70
C ALA A 255 7.21 -22.30 -12.96
N CYS A 256 7.59 -21.86 -11.76
CA CYS A 256 8.54 -22.62 -10.93
C CYS A 256 8.06 -24.05 -10.67
N LYS A 257 6.78 -24.21 -10.36
CA LYS A 257 6.24 -25.53 -10.16
C LYS A 257 6.36 -26.35 -11.43
N GLU A 258 5.97 -25.75 -12.56
CA GLU A 258 5.96 -26.45 -13.84
C GLU A 258 7.37 -26.92 -14.23
N LEU A 259 8.37 -26.09 -13.92
CA LEU A 259 9.76 -26.37 -14.25
C LEU A 259 10.38 -27.37 -13.27
N GLY A 260 9.66 -27.63 -12.17
CA GLY A 260 10.09 -28.63 -11.19
C GLY A 260 11.03 -28.07 -10.15
N LEU A 261 11.06 -26.74 -10.05
CA LEU A 261 11.94 -26.07 -9.12
C LEU A 261 11.34 -25.98 -7.71
N VAL A 262 10.01 -26.01 -7.60
CA VAL A 262 9.36 -25.95 -6.30
C VAL A 262 8.30 -27.04 -6.26
N ALA A 263 7.99 -27.52 -5.05
CA ALA A 263 7.00 -28.57 -4.84
C ALA A 263 5.56 -28.16 -5.11
N THR A 264 5.22 -26.91 -4.82
CA THR A 264 3.85 -26.41 -4.78
C THR A 264 3.79 -24.97 -5.31
N ASP A 265 2.69 -24.60 -5.94
CA ASP A 265 2.51 -23.22 -6.39
C ASP A 265 1.63 -22.36 -5.47
N THR A 266 1.45 -22.83 -4.23
CA THR A 266 0.59 -22.18 -3.24
C THR A 266 1.01 -20.75 -2.91
N LEU A 267 0.02 -19.88 -2.78
CA LEU A 267 0.23 -18.52 -2.29
C LEU A 267 -0.72 -18.22 -1.14
N ARG A 268 -0.49 -17.10 -0.46
CA ARG A 268 -1.41 -16.64 0.60
C ARG A 268 -2.43 -15.64 0.08
N LEU A 269 -3.68 -15.78 0.52
CA LEU A 269 -4.71 -14.81 0.18
C LEU A 269 -4.26 -13.39 0.58
N PRO A 270 -4.56 -12.38 -0.25
CA PRO A 270 -5.49 -12.34 -1.39
C PRO A 270 -4.96 -12.79 -2.77
N MET A 271 -3.76 -13.34 -2.85
CA MET A 271 -3.30 -13.95 -4.12
C MET A 271 -4.03 -15.27 -4.31
N THR A 272 -4.47 -15.55 -5.52
CA THR A 272 -5.30 -16.73 -5.79
C THR A 272 -4.61 -17.62 -6.84
N PRO A 273 -4.96 -18.91 -6.90
CA PRO A 273 -4.34 -19.83 -7.86
C PRO A 273 -4.46 -19.34 -9.30
N ILE A 274 -3.41 -19.54 -10.09
CA ILE A 274 -3.40 -19.16 -11.51
C ILE A 274 -4.63 -19.72 -12.22
N THR A 275 -5.19 -18.97 -13.17
CA THR A 275 -6.34 -19.50 -13.92
C THR A 275 -5.87 -20.45 -15.02
N ASP A 276 -6.76 -21.32 -15.46
CA ASP A 276 -6.55 -22.26 -16.57
C ASP A 276 -5.96 -21.55 -17.78
N SER A 277 -6.54 -20.39 -18.11
CA SER A 277 -6.10 -19.59 -19.23
C SER A 277 -4.71 -18.99 -18.97
N GLY A 278 -4.44 -18.63 -17.72
CA GLY A 278 -3.14 -18.15 -17.31
C GLY A 278 -2.04 -19.18 -17.48
N ARG A 279 -2.30 -20.42 -17.07
CA ARG A 279 -1.34 -21.52 -17.27
C ARG A 279 -0.90 -21.57 -18.71
N GLU A 280 -1.87 -21.65 -19.62
CA GLU A 280 -1.59 -21.82 -21.05
C GLU A 280 -0.79 -20.64 -21.61
N THR A 281 -1.15 -19.41 -21.22
CA THR A 281 -0.32 -18.23 -21.54
C THR A 281 1.13 -18.41 -21.06
N VAL A 282 1.30 -18.81 -19.80
CA VAL A 282 2.65 -18.95 -19.20
C VAL A 282 3.45 -20.09 -19.82
N ARG A 283 2.81 -21.25 -20.02
CA ARG A 283 3.42 -22.36 -20.72
C ARG A 283 4.01 -21.92 -22.07
N ALA A 284 3.21 -21.22 -22.88
CA ALA A 284 3.69 -20.72 -24.18
C ALA A 284 4.92 -19.82 -24.09
N ALA A 285 4.95 -18.89 -23.13
CA ALA A 285 6.11 -18.03 -22.93
C ALA A 285 7.38 -18.81 -22.50
N LEU A 286 7.19 -19.82 -21.67
CA LEU A 286 8.27 -20.71 -21.25
C LEU A 286 8.82 -21.51 -22.42
N LYS A 287 7.94 -21.95 -23.32
CA LYS A 287 8.35 -22.63 -24.56
C LYS A 287 9.19 -21.70 -25.46
N HIS A 288 8.66 -20.50 -25.72
CA HIS A 288 9.32 -19.50 -26.54
C HIS A 288 10.74 -19.24 -26.01
N ALA A 289 10.88 -19.21 -24.68
CA ALA A 289 12.17 -19.01 -24.01
C ALA A 289 13.09 -20.24 -24.06
N GLY A 290 12.52 -21.38 -24.48
CA GLY A 290 13.30 -22.62 -24.64
C GLY A 290 13.59 -23.37 -23.34
N LEU A 291 12.76 -23.14 -22.32
CA LEU A 291 12.95 -23.73 -20.99
C LEU A 291 11.99 -24.88 -20.76
N LEU A 292 10.94 -24.90 -21.59
CA LEU A 292 9.96 -25.96 -21.56
C LEU A 292 10.02 -26.70 -22.89
N MET B 1 -26.54 5.94 11.18
CA MET B 1 -25.51 4.95 11.65
C MET B 1 -24.55 4.53 10.54
N PHE B 2 -25.08 4.28 9.35
CA PHE B 2 -24.21 4.10 8.15
C PHE B 2 -24.60 5.05 6.99
N THR B 3 -25.40 6.07 7.30
CA THR B 3 -25.80 7.09 6.31
C THR B 3 -25.42 8.49 6.84
N GLY B 4 -25.47 9.52 5.99
CA GLY B 4 -25.22 10.88 6.47
C GLY B 4 -23.76 11.25 6.56
N SER B 5 -23.45 12.18 7.46
CA SER B 5 -22.11 12.63 7.64
C SER B 5 -21.38 11.74 8.65
N ILE B 6 -20.41 10.97 8.17
CA ILE B 6 -19.57 10.13 9.01
C ILE B 6 -18.15 10.72 9.00
N VAL B 7 -17.57 10.95 10.17
CA VAL B 7 -16.23 11.54 10.21
C VAL B 7 -15.13 10.50 10.19
N ALA B 8 -14.14 10.72 9.35
CA ALA B 8 -12.91 9.96 9.42
C ALA B 8 -11.98 10.68 10.39
N ILE B 9 -12.06 10.33 11.67
CA ILE B 9 -11.54 11.18 12.72
C ILE B 9 -10.05 11.03 12.86
N VAL B 10 -9.36 12.13 13.12
CA VAL B 10 -7.92 12.08 13.34
C VAL B 10 -7.64 11.34 14.63
N THR B 11 -6.43 10.80 14.74
CA THR B 11 -5.97 10.25 15.99
C THR B 11 -5.07 11.32 16.59
N PRO B 12 -5.63 12.15 17.51
CA PRO B 12 -4.83 13.22 18.08
C PRO B 12 -3.65 12.67 18.88
N MET B 13 -2.49 13.29 18.69
CA MET B 13 -1.28 12.83 19.35
C MET B 13 -0.60 13.93 20.18
N ASP B 14 0.16 13.53 21.21
CA ASP B 14 1.06 14.46 21.88
C ASP B 14 2.32 14.66 21.04
N GLU B 15 3.27 15.43 21.55
CA GLU B 15 4.50 15.74 20.83
C GLU B 15 5.38 14.52 20.65
N LYS B 16 5.11 13.48 21.43
CA LYS B 16 5.80 12.18 21.35
C LYS B 16 5.15 11.18 20.37
N GLY B 17 4.02 11.55 19.76
CA GLY B 17 3.33 10.65 18.83
C GLY B 17 2.41 9.63 19.47
N ASN B 18 2.14 9.78 20.77
CA ASN B 18 1.21 8.89 21.47
C ASN B 18 -0.21 9.47 21.51
N VAL B 19 -1.24 8.61 21.45
CA VAL B 19 -2.64 9.08 21.44
C VAL B 19 -2.85 10.04 22.61
N CYS B 20 -3.50 11.16 22.34
CA CYS B 20 -3.83 12.16 23.39
C CYS B 20 -5.29 12.02 23.79
N ARG B 21 -5.54 11.38 24.92
CA ARG B 21 -6.92 11.08 25.38
C ARG B 21 -7.79 12.32 25.55
N ALA B 22 -7.21 13.41 26.05
CA ALA B 22 -7.96 14.63 26.29
C ALA B 22 -8.42 15.29 24.98
N SER B 23 -7.57 15.25 23.95
CA SER B 23 -7.90 15.82 22.65
C SER B 23 -8.96 14.96 21.97
N LEU B 24 -8.86 13.65 22.15
CA LEU B 24 -9.78 12.74 21.54
C LEU B 24 -11.18 12.96 22.12
N LYS B 25 -11.23 13.24 23.42
CA LYS B 25 -12.47 13.45 24.14
C LYS B 25 -13.18 14.72 23.65
N LYS B 26 -12.41 15.80 23.49
CA LYS B 26 -12.91 17.06 22.92
C LYS B 26 -13.53 16.83 21.53
N LEU B 27 -12.85 16.06 20.68
CA LEU B 27 -13.35 15.75 19.35
C LEU B 27 -14.66 14.98 19.36
N ILE B 28 -14.78 14.03 20.28
CA ILE B 28 -15.94 13.20 20.34
C ILE B 28 -17.13 14.00 20.83
N ASP B 29 -16.91 14.80 21.86
CA ASP B 29 -17.95 15.73 22.35
C ASP B 29 -18.37 16.68 21.24
N TYR B 30 -17.40 17.13 20.46
CA TYR B 30 -17.67 18.01 19.32
C TYR B 30 -18.61 17.33 18.27
N HIS B 31 -18.30 16.08 17.94
CA HIS B 31 -19.15 15.34 16.97
C HIS B 31 -20.52 14.98 17.50
N VAL B 32 -20.62 14.61 18.77
CA VAL B 32 -21.91 14.37 19.38
C VAL B 32 -22.80 15.62 19.35
N ALA B 33 -22.21 16.76 19.71
CA ALA B 33 -22.95 18.01 19.70
C ALA B 33 -23.25 18.50 18.27
N SER B 34 -22.40 18.16 17.30
CA SER B 34 -22.57 18.72 15.95
C SER B 34 -23.49 17.91 15.02
N GLY B 35 -23.97 16.77 15.51
CA GLY B 35 -24.86 15.94 14.70
C GLY B 35 -24.24 15.01 13.67
N THR B 36 -22.93 14.74 13.80
CA THR B 36 -22.26 13.71 13.04
C THR B 36 -22.91 12.32 13.25
N SER B 37 -23.14 11.58 12.16
CA SER B 37 -23.87 10.30 12.24
C SER B 37 -23.05 9.21 12.89
N ALA B 38 -21.75 9.18 12.61
CA ALA B 38 -20.89 8.17 13.21
C ALA B 38 -19.42 8.55 13.10
N ILE B 39 -18.59 7.83 13.85
CA ILE B 39 -17.17 8.03 13.80
C ILE B 39 -16.47 6.82 13.18
N VAL B 40 -15.66 7.06 12.14
CA VAL B 40 -14.70 6.04 11.73
C VAL B 40 -13.40 6.21 12.53
N SER B 41 -13.11 5.23 13.37
CA SER B 41 -11.93 5.23 14.22
C SER B 41 -10.77 4.47 13.57
N VAL B 42 -9.62 5.15 13.48
CA VAL B 42 -8.38 4.58 12.91
C VAL B 42 -8.53 4.11 11.46
N GLY B 43 -9.12 4.95 10.62
CA GLY B 43 -8.94 4.79 9.17
C GLY B 43 -7.74 5.62 8.71
N THR B 44 -7.67 5.93 7.42
CA THR B 44 -6.51 6.57 6.82
C THR B 44 -6.15 7.87 7.52
N THR B 45 -7.18 8.71 7.66
CA THR B 45 -7.11 9.99 8.34
C THR B 45 -6.74 9.83 9.81
N GLY B 46 -7.07 8.68 10.39
CA GLY B 46 -6.69 8.36 11.75
C GLY B 46 -5.32 7.71 11.87
N GLU B 47 -4.55 7.79 10.79
CA GLU B 47 -3.18 7.28 10.74
C GLU B 47 -3.05 5.79 11.02
N SER B 48 -3.95 5.00 10.43
CA SER B 48 -3.91 3.54 10.58
C SER B 48 -2.54 2.98 10.19
N ALA B 49 -1.90 3.58 9.19
CA ALA B 49 -0.62 3.10 8.70
C ALA B 49 0.46 3.07 9.77
N THR B 50 0.47 4.05 10.67
CA THR B 50 1.61 4.14 11.60
C THR B 50 1.28 3.84 13.04
N LEU B 51 0.11 3.23 13.28
CA LEU B 51 -0.18 2.67 14.59
C LEU B 51 -0.03 1.16 14.46
N ASN B 52 0.67 0.52 15.39
CA ASN B 52 0.61 -0.93 15.42
C ASN B 52 -0.77 -1.43 15.86
N HIS B 53 -1.09 -2.68 15.51
CA HIS B 53 -2.40 -3.29 15.80
C HIS B 53 -2.88 -3.13 17.25
N ASP B 54 -1.93 -3.09 18.18
CA ASP B 54 -2.25 -2.93 19.60
C ASP B 54 -2.68 -1.51 19.94
N GLU B 55 -1.95 -0.53 19.40
CA GLU B 55 -2.32 0.88 19.56
C GLU B 55 -3.65 1.16 18.84
N HIS B 56 -3.78 0.58 17.66
CA HIS B 56 -4.98 0.64 16.85
C HIS B 56 -6.21 0.20 17.67
N ALA B 57 -6.12 -0.99 18.27
CA ALA B 57 -7.17 -1.45 19.17
C ALA B 57 -7.39 -0.51 20.35
N ASP B 58 -6.32 -0.05 21.01
CA ASP B 58 -6.51 0.84 22.15
C ASP B 58 -7.24 2.11 21.73
N VAL B 59 -6.89 2.68 20.58
CA VAL B 59 -7.54 3.91 20.12
C VAL B 59 -9.03 3.65 19.84
N VAL B 60 -9.36 2.55 19.18
CA VAL B 60 -10.76 2.22 18.93
C VAL B 60 -11.48 2.01 20.28
N MET B 61 -10.85 1.34 21.24
CA MET B 61 -11.52 1.07 22.53
C MET B 61 -11.72 2.34 23.35
N MET B 62 -10.71 3.20 23.31
CA MET B 62 -10.76 4.52 23.93
C MET B 62 -11.93 5.35 23.34
N THR B 63 -12.02 5.34 22.01
CA THR B 63 -13.05 6.09 21.29
C THR B 63 -14.44 5.60 21.70
N LEU B 64 -14.64 4.29 21.75
CA LEU B 64 -15.92 3.75 22.25
C LEU B 64 -16.21 4.22 23.68
N ASP B 65 -15.20 4.15 24.53
CA ASP B 65 -15.33 4.55 25.93
C ASP B 65 -15.79 6.02 26.06
N LEU B 66 -15.11 6.92 25.36
CA LEU B 66 -15.44 8.34 25.36
C LEU B 66 -16.78 8.61 24.68
N ALA B 67 -17.07 7.90 23.60
CA ALA B 67 -18.37 8.02 22.94
C ALA B 67 -19.51 7.68 23.94
N ASP B 68 -19.24 6.73 24.85
CA ASP B 68 -20.19 6.36 25.89
C ASP B 68 -21.62 6.14 25.37
N GLY B 69 -21.74 5.58 24.16
CA GLY B 69 -23.04 5.27 23.56
C GLY B 69 -23.78 6.42 22.89
N ARG B 70 -23.14 7.58 22.78
CA ARG B 70 -23.78 8.81 22.28
C ARG B 70 -23.71 8.87 20.77
N ILE B 71 -22.76 8.13 20.19
CA ILE B 71 -22.54 8.13 18.76
C ILE B 71 -21.95 6.76 18.38
N PRO B 72 -22.40 6.16 17.27
CA PRO B 72 -21.84 4.93 16.74
C PRO B 72 -20.37 5.04 16.31
N VAL B 73 -19.59 4.01 16.61
CA VAL B 73 -18.22 3.94 16.18
C VAL B 73 -18.04 2.79 15.17
N ILE B 74 -17.33 3.05 14.08
CA ILE B 74 -16.92 2.03 13.11
C ILE B 74 -15.40 1.93 13.18
N ALA B 75 -14.87 0.73 13.26
CA ALA B 75 -13.44 0.57 13.31
C ALA B 75 -12.91 0.36 11.91
N GLY B 76 -11.78 1.00 11.60
CA GLY B 76 -11.01 0.64 10.43
C GLY B 76 -10.29 -0.68 10.72
N THR B 77 -10.37 -1.63 9.79
CA THR B 77 -9.81 -2.96 10.00
C THR B 77 -9.14 -3.55 8.76
N GLY B 78 -8.81 -2.75 7.75
CA GLY B 78 -8.26 -3.32 6.53
C GLY B 78 -6.83 -3.81 6.73
N ALA B 79 -6.43 -4.79 5.92
CA ALA B 79 -5.04 -5.25 5.92
C ALA B 79 -4.86 -5.88 4.56
N ASN B 80 -3.61 -5.96 4.08
CA ASN B 80 -3.39 -6.52 2.73
C ASN B 80 -3.11 -8.04 2.74
N ALA B 81 -3.24 -8.64 3.92
CA ALA B 81 -3.21 -10.09 4.07
C ALA B 81 -4.55 -10.52 4.68
N THR B 82 -5.24 -11.44 4.02
CA THR B 82 -6.54 -11.89 4.46
C THR B 82 -6.49 -12.40 5.91
N ALA B 83 -5.44 -13.09 6.27
CA ALA B 83 -5.36 -13.66 7.61
C ALA B 83 -5.19 -12.57 8.65
N GLU B 84 -4.46 -11.52 8.33
CA GLU B 84 -4.32 -10.38 9.24
C GLU B 84 -5.61 -9.59 9.34
N ALA B 85 -6.32 -9.46 8.22
CA ALA B 85 -7.60 -8.73 8.21
C ALA B 85 -8.58 -9.43 9.14
N ILE B 86 -8.65 -10.74 9.01
CA ILE B 86 -9.54 -11.56 9.82
C ILE B 86 -9.18 -11.43 11.28
N SER B 87 -7.89 -11.56 11.54
CA SER B 87 -7.34 -11.53 12.87
C SER B 87 -7.62 -10.20 13.56
N LEU B 88 -7.44 -9.10 12.83
CA LEU B 88 -7.75 -7.78 13.37
C LEU B 88 -9.23 -7.62 13.65
N THR B 89 -10.07 -8.20 12.79
CA THR B 89 -11.51 -8.14 13.03
C THR B 89 -11.89 -8.81 14.35
N GLN B 90 -11.25 -9.95 14.65
CA GLN B 90 -11.56 -10.68 15.87
C GLN B 90 -11.33 -9.86 17.14
N ARG B 91 -10.38 -8.92 17.11
CA ARG B 91 -10.09 -8.07 18.27
C ARG B 91 -11.27 -7.14 18.58
N PHE B 92 -12.12 -6.90 17.60
CA PHE B 92 -13.23 -5.96 17.74
C PHE B 92 -14.59 -6.63 17.93
N ASN B 93 -14.63 -7.96 17.84
CA ASN B 93 -15.85 -8.75 18.04
C ASN B 93 -16.43 -8.48 19.44
N ASP B 94 -17.72 -8.17 19.51
CA ASP B 94 -18.40 -7.95 20.81
C ASP B 94 -17.81 -6.76 21.58
N SER B 95 -17.29 -5.77 20.85
CA SER B 95 -16.62 -4.63 21.50
C SER B 95 -17.54 -3.44 21.77
N GLY B 96 -18.56 -3.29 20.92
CA GLY B 96 -19.45 -2.13 20.92
C GLY B 96 -19.48 -1.36 19.59
N ILE B 97 -18.46 -1.56 18.76
CA ILE B 97 -18.46 -0.94 17.45
C ILE B 97 -19.66 -1.48 16.68
N VAL B 98 -20.20 -0.69 15.76
CA VAL B 98 -21.37 -1.11 15.00
C VAL B 98 -21.02 -1.75 13.66
N GLY B 99 -19.74 -1.71 13.27
CA GLY B 99 -19.30 -2.26 12.01
C GLY B 99 -17.86 -1.92 11.68
N CYS B 100 -17.38 -2.43 10.54
CA CYS B 100 -16.01 -2.25 10.12
C CYS B 100 -15.88 -1.58 8.73
N LEU B 101 -14.88 -0.72 8.61
CA LEU B 101 -14.54 -0.17 7.33
C LEU B 101 -13.26 -0.87 6.88
N THR B 102 -13.37 -1.68 5.82
CA THR B 102 -12.27 -2.55 5.45
C THR B 102 -11.78 -2.29 4.02
N VAL B 103 -10.50 -1.92 3.91
CA VAL B 103 -9.96 -1.47 2.63
C VAL B 103 -9.53 -2.65 1.75
N THR B 104 -9.58 -2.43 0.42
CA THR B 104 -8.98 -3.34 -0.54
C THR B 104 -7.50 -3.47 -0.25
N PRO B 105 -6.96 -4.70 -0.27
CA PRO B 105 -5.52 -4.88 -0.12
C PRO B 105 -4.65 -3.88 -0.93
N TYR B 106 -3.71 -3.23 -0.26
CA TYR B 106 -2.81 -2.27 -0.86
C TYR B 106 -1.49 -2.99 -1.18
N TYR B 107 -0.77 -2.48 -2.17
CA TYR B 107 0.58 -2.94 -2.54
C TYR B 107 0.63 -4.26 -3.33
N ASN B 108 -0.02 -5.32 -2.85
CA ASN B 108 0.07 -6.62 -3.54
C ASN B 108 -0.82 -6.73 -4.79
N ARG B 109 -1.70 -5.75 -5.02
CA ARG B 109 -2.48 -5.65 -6.26
C ARG B 109 -3.16 -6.95 -6.70
N PRO B 110 -4.09 -7.46 -5.88
CA PRO B 110 -4.76 -8.71 -6.26
C PRO B 110 -5.75 -8.54 -7.43
N SER B 111 -6.12 -9.66 -8.05
CA SER B 111 -7.17 -9.71 -9.05
C SER B 111 -8.55 -9.49 -8.42
N GLN B 112 -9.58 -9.38 -9.27
CA GLN B 112 -10.95 -9.22 -8.76
C GLN B 112 -11.38 -10.47 -7.98
N GLU B 113 -10.95 -11.62 -8.45
CA GLU B 113 -11.23 -12.88 -7.78
C GLU B 113 -10.57 -12.92 -6.39
N GLY B 114 -9.36 -12.39 -6.29
CA GLY B 114 -8.71 -12.23 -4.98
C GLY B 114 -9.42 -11.28 -4.03
N LEU B 115 -9.90 -10.16 -4.56
CA LEU B 115 -10.70 -9.23 -3.74
C LEU B 115 -11.95 -9.92 -3.22
N TYR B 116 -12.64 -10.65 -4.09
CA TYR B 116 -13.85 -11.36 -3.70
C TYR B 116 -13.54 -12.34 -2.56
N GLN B 117 -12.46 -13.10 -2.66
CA GLN B 117 -12.14 -14.07 -1.62
C GLN B 117 -11.65 -13.38 -0.36
N HIS B 118 -10.95 -12.28 -0.51
CA HIS B 118 -10.46 -11.54 0.63
C HIS B 118 -11.64 -11.10 1.50
N PHE B 119 -12.56 -10.35 0.89
CA PHE B 119 -13.68 -9.79 1.60
C PHE B 119 -14.71 -10.82 2.05
N LYS B 120 -14.94 -11.86 1.24
CA LYS B 120 -15.85 -12.92 1.63
C LYS B 120 -15.33 -13.66 2.89
N ALA B 121 -14.04 -13.93 2.94
CA ALA B 121 -13.43 -14.62 4.10
C ALA B 121 -13.52 -13.76 5.36
N ILE B 122 -13.33 -12.46 5.22
CA ILE B 122 -13.43 -11.54 6.33
C ILE B 122 -14.86 -11.53 6.87
N ALA B 123 -15.83 -11.43 5.95
CA ALA B 123 -17.23 -11.39 6.35
C ALA B 123 -17.69 -12.69 7.00
N GLU B 124 -17.19 -13.83 6.53
CA GLU B 124 -17.52 -15.13 7.14
C GLU B 124 -17.25 -15.23 8.64
N HIS B 125 -16.12 -14.72 9.09
CA HIS B 125 -15.62 -14.96 10.45
C HIS B 125 -15.91 -13.82 11.41
N THR B 126 -16.97 -13.07 11.10
CA THR B 126 -17.48 -12.05 12.00
C THR B 126 -18.99 -11.97 11.84
N ASP B 127 -19.64 -11.48 12.89
CA ASP B 127 -21.04 -11.14 12.84
C ASP B 127 -21.20 -9.65 12.55
N LEU B 128 -20.09 -8.92 12.50
CA LEU B 128 -20.15 -7.46 12.31
C LEU B 128 -20.38 -7.05 10.87
N PRO B 129 -21.24 -6.05 10.65
CA PRO B 129 -21.41 -5.41 9.34
C PRO B 129 -20.06 -4.91 8.80
N GLN B 130 -19.82 -5.16 7.52
CA GLN B 130 -18.58 -4.76 6.88
C GLN B 130 -18.90 -3.77 5.81
N ILE B 131 -18.14 -2.68 5.77
CA ILE B 131 -18.23 -1.73 4.68
C ILE B 131 -16.93 -1.81 3.93
N LEU B 132 -17.03 -2.11 2.64
CA LEU B 132 -15.89 -2.18 1.73
C LEU B 132 -15.39 -0.77 1.47
N TYR B 133 -14.08 -0.64 1.30
CA TYR B 133 -13.48 0.66 1.10
C TYR B 133 -12.56 0.59 -0.09
N ASN B 134 -12.88 1.38 -1.12
CA ASN B 134 -12.12 1.40 -2.36
C ASN B 134 -11.44 2.74 -2.60
N VAL B 135 -10.10 2.73 -2.63
CA VAL B 135 -9.31 3.97 -2.81
C VAL B 135 -8.03 3.67 -3.61
N PRO B 136 -8.17 3.43 -4.92
CA PRO B 136 -7.11 2.99 -5.83
C PRO B 136 -5.85 3.89 -5.83
N SER B 137 -6.01 5.19 -5.59
CA SER B 137 -4.85 6.09 -5.52
C SER B 137 -3.92 5.73 -4.37
N ARG B 138 -4.43 5.06 -3.35
CA ARG B 138 -3.58 4.63 -2.24
C ARG B 138 -3.14 3.15 -2.30
N THR B 139 -3.96 2.31 -2.92
CA THR B 139 -3.82 0.88 -2.79
C THR B 139 -3.14 0.26 -3.99
N GLY B 140 -3.28 0.91 -5.14
CA GLY B 140 -2.87 0.34 -6.44
C GLY B 140 -3.82 -0.71 -7.02
N CYS B 141 -5.01 -0.84 -6.40
N CYS B 141 -4.99 -0.86 -6.41
CA CYS B 141 -6.01 -1.86 -6.76
CA CYS B 141 -5.98 -1.76 -6.94
C CYS B 141 -7.40 -1.23 -6.79
C CYS B 141 -7.34 -1.11 -6.90
N ASP B 142 -8.18 -1.51 -7.84
CA ASP B 142 -9.51 -0.95 -7.97
C ASP B 142 -10.60 -2.01 -7.87
N LEU B 143 -11.42 -1.94 -6.82
CA LEU B 143 -12.58 -2.86 -6.66
C LEU B 143 -13.72 -2.49 -7.61
N LEU B 144 -13.91 -3.24 -8.68
CA LEU B 144 -14.92 -2.91 -9.70
C LEU B 144 -16.37 -3.21 -9.28
N PRO B 145 -17.35 -2.44 -9.84
CA PRO B 145 -18.78 -2.64 -9.56
C PRO B 145 -19.23 -4.08 -9.67
N GLU B 146 -18.79 -4.80 -10.70
CA GLU B 146 -19.19 -6.21 -10.85
C GLU B 146 -18.85 -6.99 -9.59
N THR B 147 -17.64 -6.75 -9.08
CA THR B 147 -17.17 -7.42 -7.90
C THR B 147 -17.93 -6.98 -6.66
N VAL B 148 -18.24 -5.68 -6.55
CA VAL B 148 -19.09 -5.22 -5.46
C VAL B 148 -20.46 -5.93 -5.48
N GLY B 149 -21.04 -6.11 -6.66
CA GLY B 149 -22.31 -6.83 -6.81
C GLY B 149 -22.23 -8.27 -6.28
N ARG B 150 -21.18 -9.01 -6.65
CA ARG B 150 -20.92 -10.32 -6.06
C ARG B 150 -20.85 -10.22 -4.55
N LEU B 151 -20.04 -9.31 -4.03
CA LEU B 151 -19.85 -9.25 -2.57
C LEU B 151 -21.08 -8.83 -1.75
N ALA B 152 -21.94 -8.01 -2.35
CA ALA B 152 -23.15 -7.51 -1.71
C ALA B 152 -24.13 -8.63 -1.36
N LYS B 153 -24.00 -9.76 -2.03
CA LYS B 153 -24.83 -10.92 -1.75
C LYS B 153 -24.46 -11.61 -0.43
N VAL B 154 -23.24 -11.31 0.06
CA VAL B 154 -22.82 -11.76 1.38
C VAL B 154 -23.60 -10.99 2.47
N LYS B 155 -24.12 -11.70 3.48
CA LYS B 155 -25.14 -11.17 4.42
C LYS B 155 -24.68 -9.89 5.14
N ASN B 156 -23.46 -9.91 5.65
CA ASN B 156 -22.95 -8.84 6.48
C ASN B 156 -21.98 -7.89 5.76
N ILE B 157 -21.90 -7.98 4.44
CA ILE B 157 -21.27 -6.91 3.65
C ILE B 157 -22.41 -5.97 3.31
N ILE B 158 -22.46 -4.83 3.96
CA ILE B 158 -23.67 -4.00 3.90
C ILE B 158 -23.54 -2.74 3.04
N GLY B 159 -22.33 -2.43 2.59
CA GLY B 159 -22.13 -1.13 1.93
C GLY B 159 -20.72 -0.97 1.41
N ILE B 160 -20.50 0.14 0.71
CA ILE B 160 -19.18 0.48 0.17
C ILE B 160 -18.90 1.99 0.33
N ARG B 161 -17.69 2.31 0.76
CA ARG B 161 -17.19 3.68 0.72
C ARG B 161 -16.30 3.78 -0.52
N GLU B 162 -16.71 4.65 -1.46
CA GLU B 162 -16.08 4.72 -2.77
C GLU B 162 -15.32 6.05 -2.89
N ALA B 163 -13.99 5.95 -2.97
CA ALA B 163 -13.15 7.15 -2.88
C ALA B 163 -12.49 7.57 -4.17
N THR B 164 -12.82 6.92 -5.29
CA THR B 164 -12.26 7.28 -6.63
C THR B 164 -12.58 8.69 -7.10
N GLY B 165 -13.71 9.25 -6.65
CA GLY B 165 -14.16 10.51 -7.24
C GLY B 165 -14.82 10.30 -8.61
N ASN B 166 -14.88 9.03 -9.04
CA ASN B 166 -15.55 8.63 -10.30
C ASN B 166 -17.04 8.40 -10.07
N LEU B 167 -17.82 9.41 -10.41
CA LEU B 167 -19.21 9.44 -10.00
C LEU B 167 -20.10 8.47 -10.78
N THR B 168 -19.67 8.00 -11.94
CA THR B 168 -20.48 7.00 -12.65
C THR B 168 -20.58 5.70 -11.83
N ARG B 169 -19.70 5.51 -10.86
CA ARG B 169 -19.68 4.26 -10.07
C ARG B 169 -20.91 4.15 -9.17
N VAL B 170 -21.53 5.29 -8.85
CA VAL B 170 -22.69 5.29 -7.97
C VAL B 170 -23.78 4.42 -8.55
N ASN B 171 -24.22 4.76 -9.76
CA ASN B 171 -25.29 3.99 -10.34
C ASN B 171 -24.88 2.65 -10.96
N GLN B 172 -23.63 2.52 -11.41
CA GLN B 172 -23.16 1.18 -11.80
C GLN B 172 -23.28 0.19 -10.64
N ILE B 173 -22.94 0.63 -9.42
CA ILE B 173 -23.07 -0.24 -8.25
C ILE B 173 -24.54 -0.41 -7.87
N LYS B 174 -25.28 0.69 -7.85
CA LYS B 174 -26.69 0.69 -7.42
C LYS B 174 -27.54 -0.30 -8.23
N GLU B 175 -27.36 -0.34 -9.56
CA GLU B 175 -28.04 -1.36 -10.39
C GLU B 175 -27.74 -2.82 -10.01
N LEU B 176 -26.56 -3.06 -9.44
CA LEU B 176 -26.13 -4.44 -9.21
C LEU B 176 -26.44 -4.96 -7.81
N VAL B 177 -26.96 -4.09 -6.96
CA VAL B 177 -27.09 -4.43 -5.55
C VAL B 177 -28.49 -4.10 -5.09
N SER B 178 -28.84 -4.61 -3.91
CA SER B 178 -30.16 -4.38 -3.31
C SER B 178 -30.33 -2.93 -2.87
N ASP B 179 -31.58 -2.51 -2.71
CA ASP B 179 -31.86 -1.12 -2.30
C ASP B 179 -31.36 -0.77 -0.89
N ASP B 180 -31.12 -1.75 -0.02
CA ASP B 180 -30.55 -1.40 1.27
C ASP B 180 -29.02 -1.46 1.42
N PHE B 181 -28.31 -1.73 0.32
CA PHE B 181 -26.87 -1.65 0.31
C PHE B 181 -26.50 -0.17 0.32
N VAL B 182 -25.63 0.22 1.22
CA VAL B 182 -25.31 1.62 1.50
C VAL B 182 -24.13 2.08 0.59
N LEU B 183 -24.30 3.18 -0.10
CA LEU B 183 -23.22 3.71 -0.93
C LEU B 183 -22.75 5.00 -0.26
N LEU B 184 -21.47 5.07 0.07
CA LEU B 184 -20.92 6.24 0.73
C LEU B 184 -19.75 6.81 -0.06
N SER B 185 -19.68 8.13 -0.11
CA SER B 185 -18.53 8.74 -0.76
C SER B 185 -17.36 8.74 0.19
N GLY B 186 -16.17 8.52 -0.37
CA GLY B 186 -14.91 8.70 0.35
C GLY B 186 -14.10 9.82 -0.26
N ASP B 187 -14.79 10.76 -0.91
CA ASP B 187 -14.11 11.87 -1.58
C ASP B 187 -14.85 13.18 -1.30
N ASP B 188 -14.37 13.96 -0.34
CA ASP B 188 -15.05 15.18 0.10
C ASP B 188 -15.53 16.10 -1.01
N ALA B 189 -14.67 16.38 -1.98
CA ALA B 189 -14.96 17.37 -3.02
C ALA B 189 -16.07 16.92 -3.98
N SER B 190 -16.28 15.61 -4.11
CA SER B 190 -17.32 15.11 -5.02
C SER B 190 -18.48 14.44 -4.27
N ALA B 191 -18.46 14.53 -2.94
CA ALA B 191 -19.44 13.84 -2.11
C ALA B 191 -20.87 14.35 -2.29
N LEU B 192 -21.05 15.66 -2.45
CA LEU B 192 -22.41 16.14 -2.69
C LEU B 192 -22.96 15.63 -4.06
N ASP B 193 -22.15 15.71 -5.11
CA ASP B 193 -22.53 15.10 -6.39
C ASP B 193 -22.91 13.61 -6.23
N PHE B 194 -22.13 12.92 -5.39
CA PHE B 194 -22.26 11.48 -5.16
C PHE B 194 -23.62 11.17 -4.51
N MET B 195 -23.97 11.94 -3.49
CA MET B 195 -25.26 11.81 -2.83
C MET B 195 -26.41 12.25 -3.75
N GLN B 196 -26.19 13.30 -4.53
CA GLN B 196 -27.21 13.71 -5.48
C GLN B 196 -27.56 12.62 -6.51
N LEU B 197 -26.57 11.77 -6.86
CA LEU B 197 -26.78 10.68 -7.84
C LEU B 197 -27.37 9.39 -7.23
N GLY B 198 -27.49 9.35 -5.91
CA GLY B 198 -28.06 8.20 -5.22
C GLY B 198 -27.27 7.76 -3.99
N GLY B 199 -26.13 8.37 -3.74
CA GLY B 199 -25.35 8.05 -2.54
C GLY B 199 -26.12 8.36 -1.25
N HIS B 200 -25.72 7.75 -0.14
CA HIS B 200 -26.44 7.83 1.13
C HIS B 200 -25.67 8.62 2.16
N GLY B 201 -24.42 8.93 1.88
CA GLY B 201 -23.62 9.66 2.84
C GLY B 201 -22.16 9.83 2.42
N VAL B 202 -21.35 10.30 3.37
CA VAL B 202 -19.94 10.49 3.11
C VAL B 202 -19.11 10.13 4.33
N ILE B 203 -17.96 9.51 4.09
CA ILE B 203 -16.99 9.36 5.15
C ILE B 203 -16.02 10.49 4.89
N SER B 204 -16.05 11.46 5.78
CA SER B 204 -15.49 12.75 5.47
C SER B 204 -14.27 13.14 6.30
N VAL B 205 -13.30 13.77 5.63
CA VAL B 205 -12.17 14.38 6.28
C VAL B 205 -12.56 15.78 6.74
N THR B 206 -13.27 16.52 5.88
CA THR B 206 -13.80 17.88 6.20
C THR B 206 -14.61 17.92 7.50
N ALA B 207 -15.40 16.87 7.73
CA ALA B 207 -16.20 16.79 8.95
C ALA B 207 -15.34 16.92 10.23
N ASN B 208 -14.03 16.67 10.18
CA ASN B 208 -13.20 16.87 11.39
C ASN B 208 -13.25 18.30 11.95
N VAL B 209 -13.44 19.26 11.05
CA VAL B 209 -13.40 20.67 11.40
C VAL B 209 -14.66 21.45 11.00
N ALA B 210 -15.55 20.83 10.25
CA ALA B 210 -16.80 21.51 9.86
C ALA B 210 -17.96 20.54 10.05
N ALA B 211 -18.02 19.93 11.24
CA ALA B 211 -18.97 18.86 11.50
C ALA B 211 -20.42 19.29 11.28
N ARG B 212 -20.77 20.49 11.75
CA ARG B 212 -22.18 20.93 11.75
C ARG B 212 -22.69 21.19 10.32
N ASP B 213 -21.88 21.86 9.53
CA ASP B 213 -22.22 22.09 8.13
C ASP B 213 -22.35 20.81 7.32
N MET B 214 -21.45 19.86 7.58
CA MET B 214 -21.44 18.59 6.86
C MET B 214 -22.69 17.78 7.17
N ALA B 215 -23.05 17.74 8.45
CA ALA B 215 -24.25 17.05 8.89
C ALA B 215 -25.51 17.68 8.27
N GLN B 216 -25.62 19.02 8.33
CA GLN B 216 -26.76 19.69 7.71
C GLN B 216 -26.81 19.42 6.20
N MET B 217 -25.66 19.49 5.53
CA MET B 217 -25.56 19.30 4.09
C MET B 217 -25.98 17.89 3.72
N CYS B 218 -25.52 16.91 4.49
CA CYS B 218 -25.89 15.53 4.23
C CYS B 218 -27.38 15.31 4.47
N LYS B 219 -27.95 16.02 5.45
CA LYS B 219 -29.38 15.87 5.74
C LYS B 219 -30.23 16.50 4.64
N LEU B 220 -29.83 17.68 4.17
CA LEU B 220 -30.51 18.28 3.02
C LEU B 220 -30.39 17.37 1.79
N ALA B 221 -29.20 16.85 1.51
CA ALA B 221 -29.05 15.93 0.37
C ALA B 221 -30.02 14.74 0.48
N ALA B 222 -30.06 14.07 1.64
CA ALA B 222 -30.98 12.93 1.87
C ALA B 222 -32.44 13.27 1.68
N GLU B 223 -32.82 14.52 1.96
CA GLU B 223 -34.18 14.99 1.75
C GLU B 223 -34.43 15.48 0.31
N GLY B 224 -33.39 15.51 -0.52
CA GLY B 224 -33.55 15.94 -1.91
C GLY B 224 -33.44 17.44 -2.13
N HIS B 225 -32.98 18.16 -1.10
CA HIS B 225 -32.87 19.61 -1.15
C HIS B 225 -31.47 20.00 -1.58
N PHE B 226 -31.18 19.69 -2.85
CA PHE B 226 -29.81 19.73 -3.35
C PHE B 226 -29.25 21.14 -3.52
N ALA B 227 -30.11 22.09 -3.91
CA ALA B 227 -29.70 23.48 -4.10
C ALA B 227 -29.28 24.07 -2.75
N GLU B 228 -30.12 23.91 -1.74
CA GLU B 228 -29.78 24.34 -0.40
C GLU B 228 -28.48 23.66 0.09
N ALA B 229 -28.30 22.37 -0.23
CA ALA B 229 -27.10 21.65 0.20
C ALA B 229 -25.89 22.22 -0.51
N ARG B 230 -26.10 22.57 -1.77
CA ARG B 230 -25.01 23.06 -2.61
C ARG B 230 -24.44 24.39 -2.08
N VAL B 231 -25.31 25.21 -1.48
CA VAL B 231 -24.85 26.47 -0.88
C VAL B 231 -23.80 26.22 0.20
N ILE B 232 -24.09 25.29 1.10
CA ILE B 232 -23.14 24.91 2.13
C ILE B 232 -21.89 24.29 1.49
N ASN B 233 -22.08 23.43 0.49
CA ASN B 233 -20.94 22.79 -0.16
C ASN B 233 -19.97 23.80 -0.77
N GLN B 234 -20.48 24.87 -1.37
CA GLN B 234 -19.61 25.93 -1.94
C GLN B 234 -18.74 26.57 -0.89
N ARG B 235 -19.29 26.84 0.29
CA ARG B 235 -18.47 27.44 1.30
C ARG B 235 -17.47 26.44 1.93
N LEU B 236 -17.78 25.15 1.84
CA LEU B 236 -16.83 24.11 2.27
C LEU B 236 -15.81 23.72 1.20
N MET B 237 -16.04 24.10 -0.06
CA MET B 237 -15.26 23.52 -1.17
C MET B 237 -13.77 23.82 -1.05
N PRO B 238 -13.40 25.05 -0.64
CA PRO B 238 -11.96 25.27 -0.45
C PRO B 238 -11.33 24.30 0.56
N LEU B 239 -12.01 24.05 1.69
CA LEU B 239 -11.60 23.00 2.63
C LEU B 239 -11.54 21.62 1.99
N HIS B 240 -12.56 21.26 1.22
CA HIS B 240 -12.58 19.96 0.51
C HIS B 240 -11.31 19.77 -0.32
N ASN B 241 -10.84 20.84 -0.95
CA ASN B 241 -9.61 20.77 -1.73
C ASN B 241 -8.33 20.92 -0.93
N LYS B 242 -8.26 21.96 -0.10
CA LYS B 242 -7.02 22.32 0.59
C LYS B 242 -6.68 21.45 1.79
N LEU B 243 -7.61 20.65 2.29
CA LEU B 243 -7.22 19.64 3.30
C LEU B 243 -6.29 18.61 2.69
N PHE B 244 -6.08 18.72 1.38
CA PHE B 244 -5.22 17.79 0.65
C PHE B 244 -4.08 18.51 -0.07
N VAL B 245 -3.83 19.74 0.32
CA VAL B 245 -2.75 20.51 -0.22
C VAL B 245 -1.40 19.86 0.10
N GLU B 246 -1.32 19.20 1.24
CA GLU B 246 -0.21 18.34 1.59
C GLU B 246 -0.87 17.05 2.10
N PRO B 247 -0.13 15.93 2.14
CA PRO B 247 -0.70 14.60 2.43
C PRO B 247 -1.64 14.54 3.65
N ASN B 248 -2.87 14.10 3.42
CA ASN B 248 -3.81 13.82 4.51
C ASN B 248 -3.19 12.78 5.46
N PRO B 249 -3.26 12.98 6.80
CA PRO B 249 -3.96 13.95 7.62
C PRO B 249 -3.15 15.16 8.09
N ILE B 250 -2.09 15.54 7.37
CA ILE B 250 -1.26 16.70 7.77
C ILE B 250 -2.08 18.00 7.87
N PRO B 251 -2.74 18.46 6.77
CA PRO B 251 -3.50 19.72 6.88
C PRO B 251 -4.63 19.70 7.90
N VAL B 252 -5.34 18.58 8.04
CA VAL B 252 -6.52 18.54 8.89
C VAL B 252 -6.15 18.52 10.38
N LYS B 253 -5.04 17.87 10.72
CA LYS B 253 -4.53 17.88 12.08
C LYS B 253 -4.10 19.29 12.47
N TRP B 254 -3.42 19.98 11.55
CA TRP B 254 -3.05 21.35 11.77
C TRP B 254 -4.30 22.25 11.98
N ALA B 255 -5.32 22.04 11.15
CA ALA B 255 -6.57 22.77 11.27
C ALA B 255 -7.27 22.48 12.60
N CYS B 256 -7.31 21.23 13.01
CA CYS B 256 -7.83 20.92 14.34
C CYS B 256 -7.06 21.63 15.46
N LYS B 257 -5.74 21.72 15.34
CA LYS B 257 -4.95 22.49 16.32
C LYS B 257 -5.25 24.02 16.26
N GLU B 258 -5.35 24.57 15.05
CA GLU B 258 -5.67 26.00 14.89
C GLU B 258 -7.05 26.36 15.50
N LEU B 259 -8.04 25.46 15.35
CA LEU B 259 -9.35 25.64 15.95
C LEU B 259 -9.37 25.41 17.47
N GLY B 260 -8.34 24.74 17.98
CA GLY B 260 -8.29 24.44 19.42
C GLY B 260 -8.95 23.11 19.76
N LEU B 261 -9.29 22.32 18.74
CA LEU B 261 -9.94 21.01 18.96
C LEU B 261 -8.97 19.94 19.50
N VAL B 262 -7.69 20.06 19.18
CA VAL B 262 -6.67 19.11 19.66
C VAL B 262 -5.50 19.93 20.18
N ALA B 263 -4.69 19.33 21.05
CA ALA B 263 -3.62 20.07 21.68
C ALA B 263 -2.40 20.22 20.77
N THR B 264 -2.11 19.22 19.93
CA THR B 264 -0.98 19.32 19.01
C THR B 264 -1.33 18.73 17.64
N ASP B 265 -0.62 19.18 16.62
CA ASP B 265 -0.80 18.64 15.29
C ASP B 265 0.32 17.65 14.94
N THR B 266 0.98 17.08 15.95
CA THR B 266 1.98 16.01 15.78
C THR B 266 1.42 14.78 15.02
N LEU B 267 2.21 14.27 14.09
CA LEU B 267 1.91 13.08 13.29
C LEU B 267 3.06 12.09 13.49
N ARG B 268 2.97 10.88 12.94
CA ARG B 268 4.10 9.96 12.95
C ARG B 268 4.74 9.88 11.58
N LEU B 269 6.07 9.77 11.55
CA LEU B 269 6.78 9.50 10.31
C LEU B 269 6.22 8.25 9.64
N PRO B 270 6.07 8.27 8.30
CA PRO B 270 6.63 9.29 7.40
C PRO B 270 5.77 10.54 7.11
N MET B 271 4.74 10.82 7.90
CA MET B 271 4.07 12.13 7.79
C MET B 271 4.94 13.20 8.47
N THR B 272 5.03 14.38 7.86
CA THR B 272 5.92 15.45 8.33
C THR B 272 5.14 16.73 8.62
N PRO B 273 5.70 17.66 9.43
CA PRO B 273 4.95 18.87 9.73
C PRO B 273 4.55 19.70 8.50
N ILE B 274 3.36 20.30 8.60
CA ILE B 274 2.81 21.18 7.56
C ILE B 274 3.81 22.30 7.22
N THR B 275 3.94 22.63 5.94
CA THR B 275 4.75 23.77 5.52
C THR B 275 4.05 25.12 5.84
N ASP B 276 4.81 26.22 5.85
CA ASP B 276 4.30 27.59 6.11
C ASP B 276 3.31 28.03 5.02
N SER B 277 3.60 27.60 3.81
CA SER B 277 2.73 27.80 2.67
C SER B 277 1.44 27.00 2.88
N GLY B 278 1.57 25.76 3.35
CA GLY B 278 0.42 24.91 3.69
C GLY B 278 -0.51 25.55 4.72
N ARG B 279 0.09 26.10 5.78
CA ARG B 279 -0.66 26.79 6.82
C ARG B 279 -1.46 27.96 6.25
N GLU B 280 -0.87 28.70 5.34
CA GLU B 280 -1.50 29.89 4.77
C GLU B 280 -2.74 29.47 3.95
N THR B 281 -2.61 28.40 3.17
CA THR B 281 -3.67 27.88 2.30
C THR B 281 -4.83 27.25 3.11
N VAL B 282 -4.48 26.47 4.13
CA VAL B 282 -5.48 25.86 5.00
C VAL B 282 -6.24 26.94 5.78
N ARG B 283 -5.50 27.87 6.38
CA ARG B 283 -6.07 29.01 7.10
C ARG B 283 -7.10 29.77 6.22
N ALA B 284 -6.72 30.07 4.99
CA ALA B 284 -7.60 30.77 4.06
C ALA B 284 -8.86 29.94 3.79
N ALA B 285 -8.72 28.61 3.68
CA ALA B 285 -9.89 27.74 3.46
C ALA B 285 -10.80 27.64 4.72
N LEU B 286 -10.20 27.63 5.91
CA LEU B 286 -10.96 27.70 7.17
C LEU B 286 -11.76 29.04 7.27
N LYS B 287 -11.15 30.12 6.84
CA LYS B 287 -11.79 31.45 6.88
C LYS B 287 -12.96 31.56 5.88
N HIS B 288 -12.76 31.02 4.69
CA HIS B 288 -13.82 30.91 3.70
C HIS B 288 -15.02 30.07 4.22
N ALA B 289 -14.73 29.04 5.01
CA ALA B 289 -15.78 28.23 5.61
C ALA B 289 -16.42 28.87 6.84
N GLY B 290 -15.92 30.05 7.24
CA GLY B 290 -16.47 30.79 8.37
C GLY B 290 -16.11 30.19 9.73
N LEU B 291 -15.05 29.38 9.76
CA LEU B 291 -14.63 28.70 10.98
C LEU B 291 -13.60 29.49 11.79
N LEU B 292 -12.96 30.48 11.18
CA LEU B 292 -12.09 31.38 11.93
C LEU B 292 -12.61 32.83 11.88
#